data_3E44
#
_entry.id   3E44
#
_cell.length_a   50.694
_cell.length_b   91.788
_cell.length_c   66.180
_cell.angle_alpha   90.00
_cell.angle_beta   105.30
_cell.angle_gamma   90.00
#
_symmetry.space_group_name_H-M   'P 1 21 1'
#
loop_
_entity.id
_entity.type
_entity.pdbx_description
1 polymer 'Type-2 restriction enzyme HindII'
2 polymer "5'-D(*DGP*DCP*DCP*DGP*DGP*DTP*DT)-3'"
3 polymer "5'-D(P*DAP*DAP*DCP*DCP*DGP*DGP*DC)-3'"
4 non-polymer 'MANGANESE (II) ION'
5 water water
#
loop_
_entity_poly.entity_id
_entity_poly.type
_entity_poly.pdbx_seq_one_letter_code
_entity_poly.pdbx_strand_id
1 'polypeptide(L)'
;SFIKPIYQDINSILIGQKVKRPKSGTLSGHAAGEPFEKLVYKFLKENLSDLTFKQYEYLNDLFMKNPAIIGHEARYKLFN
SPTLLFLLSRGKAATENWSIENLFEEKQNDTADILLVKDQFYELLDVKTRNISKSAFAPNIISAYKLAQTCAKMIDNKEF
DLFDINYLEVDWELNGEDLVCVSTSFAELFKSEPSELYINWAAAMQIQFHVRDLDQGFNGTREEWAKSYLKHFVTQAEQR
AISMIDKFVKPFKKYIL
;
A,B
2 'polydeoxyribonucleotide' (DG)(DC)(DC)(DG)(DG)(DT)(DT) E,G
3 'polydeoxyribonucleotide' (DA)(DA)(DC)(DC)(DG)(DG)(DC) F,H
#
loop_
_chem_comp.id
_chem_comp.type
_chem_comp.name
_chem_comp.formula
DA DNA linking 2'-DEOXYADENOSINE-5'-MONOPHOSPHATE 'C10 H14 N5 O6 P'
DC DNA linking 2'-DEOXYCYTIDINE-5'-MONOPHOSPHATE 'C9 H14 N3 O7 P'
DG DNA linking 2'-DEOXYGUANOSINE-5'-MONOPHOSPHATE 'C10 H14 N5 O7 P'
DT DNA linking THYMIDINE-5'-MONOPHOSPHATE 'C10 H15 N2 O8 P'
MN non-polymer 'MANGANESE (II) ION' 'Mn 2'
#
# COMPACT_ATOMS: atom_id res chain seq x y z
N SER A 1 8.21 -25.92 -10.72
CA SER A 1 8.78 -25.27 -9.56
C SER A 1 10.04 -25.99 -9.05
N PHE A 2 10.93 -25.25 -8.42
CA PHE A 2 12.16 -25.84 -7.89
C PHE A 2 11.99 -26.18 -6.43
N ILE A 3 11.14 -25.40 -5.73
CA ILE A 3 10.90 -25.64 -4.31
C ILE A 3 9.82 -26.67 -4.02
N LYS A 4 8.98 -26.95 -5.01
CA LYS A 4 7.89 -27.91 -4.83
C LYS A 4 8.37 -29.32 -4.41
N PRO A 5 9.42 -29.86 -5.06
CA PRO A 5 9.93 -31.19 -4.70
C PRO A 5 10.26 -31.31 -3.21
N ILE A 6 10.56 -30.19 -2.57
CA ILE A 6 10.91 -30.23 -1.15
C ILE A 6 9.92 -29.41 -0.33
N TYR A 7 8.74 -29.15 -0.90
CA TYR A 7 7.75 -28.33 -0.20
C TYR A 7 7.35 -28.97 1.13
N GLN A 8 7.10 -30.28 1.10
CA GLN A 8 6.71 -31.02 2.30
C GLN A 8 7.75 -30.82 3.39
N ASP A 9 9.00 -30.67 3.00
CA ASP A 9 10.07 -30.33 3.94
C ASP A 9 9.87 -28.92 4.49
N ILE A 10 9.75 -27.95 3.60
CA ILE A 10 9.58 -26.56 4.01
C ILE A 10 8.38 -26.50 4.92
N ASN A 11 7.31 -27.16 4.50
CA ASN A 11 6.08 -27.11 5.26
C ASN A 11 6.33 -27.63 6.67
N SER A 12 7.03 -28.75 6.78
CA SER A 12 7.24 -29.37 8.09
C SER A 12 8.24 -28.62 8.95
N ILE A 13 9.21 -27.95 8.32
CA ILE A 13 10.17 -27.18 9.09
C ILE A 13 9.50 -25.91 9.64
N LEU A 14 8.84 -25.16 8.76
CA LEU A 14 8.21 -23.90 9.13
C LEU A 14 7.11 -24.05 10.18
N ILE A 15 6.42 -25.18 10.15
CA ILE A 15 5.33 -25.32 11.09
C ILE A 15 5.93 -25.45 12.48
N GLY A 16 5.41 -24.65 13.41
CA GLY A 16 5.85 -24.69 14.78
C GLY A 16 7.03 -23.78 15.02
N GLN A 17 7.64 -23.33 13.93
CA GLN A 17 8.69 -22.32 14.00
C GLN A 17 8.16 -21.01 14.60
N LYS A 18 8.94 -20.41 15.51
CA LYS A 18 8.55 -19.18 16.18
C LYS A 18 9.50 -18.03 15.84
N VAL A 19 8.98 -16.81 15.89
CA VAL A 19 9.79 -15.61 15.71
C VAL A 19 9.35 -14.55 16.71
N LYS A 20 10.29 -13.70 17.12
CA LYS A 20 9.99 -12.64 18.10
C LYS A 20 8.86 -11.72 17.62
N ARG A 21 7.93 -11.45 18.54
CA ARG A 21 6.79 -10.59 18.24
C ARG A 21 7.21 -9.32 17.49
N ALA A 31 5.00 -6.61 5.91
CA ALA A 31 4.08 -7.51 6.58
C ALA A 31 4.37 -7.57 8.07
N ALA A 32 3.40 -8.06 8.85
CA ALA A 32 3.58 -8.23 10.28
C ALA A 32 4.53 -9.41 10.59
N GLY A 33 4.38 -10.50 9.83
CA GLY A 33 5.22 -11.68 10.00
C GLY A 33 6.37 -11.82 9.01
N GLU A 34 6.88 -10.70 8.52
CA GLU A 34 7.95 -10.67 7.54
C GLU A 34 9.27 -11.34 8.00
N PRO A 35 9.45 -11.54 9.31
CA PRO A 35 10.57 -12.40 9.69
C PRO A 35 10.44 -13.83 9.21
N PHE A 36 9.23 -14.25 8.80
CA PHE A 36 9.02 -15.63 8.34
C PHE A 36 9.58 -15.81 6.93
N GLU A 37 9.61 -14.73 6.18
CA GLU A 37 10.21 -14.73 4.85
C GLU A 37 11.68 -15.13 4.98
N LYS A 38 12.40 -14.50 5.91
CA LYS A 38 13.82 -14.80 6.14
C LYS A 38 14.06 -16.28 6.38
N LEU A 39 13.23 -16.90 7.22
CA LEU A 39 13.31 -18.35 7.43
C LEU A 39 13.23 -19.11 6.11
N VAL A 40 12.22 -18.79 5.29
CA VAL A 40 12.06 -19.42 3.99
C VAL A 40 13.31 -19.22 3.14
N TYR A 41 13.82 -18.00 3.12
CA TYR A 41 15.05 -17.70 2.40
C TYR A 41 16.25 -18.45 2.99
N LYS A 42 16.34 -18.48 4.31
CA LYS A 42 17.40 -19.24 4.98
C LYS A 42 17.35 -20.69 4.57
N PHE A 43 16.14 -21.24 4.50
CA PHE A 43 15.95 -22.65 4.20
C PHE A 43 16.31 -22.93 2.76
N LEU A 44 15.73 -22.14 1.86
CA LEU A 44 16.01 -22.27 0.44
C LEU A 44 17.51 -22.22 0.20
N LYS A 45 18.16 -21.25 0.83
CA LYS A 45 19.57 -21.04 0.66
C LYS A 45 20.38 -22.22 1.23
N GLU A 46 19.74 -23.06 2.05
CA GLU A 46 20.45 -24.19 2.65
C GLU A 46 20.28 -25.49 1.86
N ASN A 47 19.14 -25.62 1.19
CA ASN A 47 18.85 -26.85 0.47
C ASN A 47 18.97 -26.70 -1.03
N LEU A 48 18.88 -25.46 -1.51
CA LEU A 48 18.97 -25.18 -2.94
C LEU A 48 19.89 -23.98 -3.15
N SER A 49 20.95 -23.92 -2.35
CA SER A 49 21.79 -22.72 -2.25
C SER A 49 22.27 -22.17 -3.58
N ASP A 50 22.53 -23.04 -4.56
CA ASP A 50 23.04 -22.57 -5.85
C ASP A 50 21.94 -21.95 -6.72
N LEU A 51 20.70 -22.11 -6.30
CA LEU A 51 19.54 -21.70 -7.09
C LEU A 51 18.88 -20.45 -6.52
N THR A 52 19.18 -20.18 -5.24
CA THR A 52 18.41 -19.23 -4.44
C THR A 52 19.01 -17.83 -4.38
N PHE A 53 18.20 -16.84 -4.71
CA PHE A 53 18.65 -15.44 -4.73
C PHE A 53 17.52 -14.55 -4.22
N LYS A 54 17.85 -13.48 -3.52
CA LYS A 54 16.92 -12.38 -3.45
C LYS A 54 17.06 -11.72 -4.82
N GLN A 55 16.03 -11.05 -5.29
CA GLN A 55 16.05 -10.43 -6.60
C GLN A 55 17.23 -9.45 -6.79
N TYR A 56 17.49 -8.62 -5.78
CA TYR A 56 18.58 -7.65 -5.86
C TYR A 56 19.92 -8.39 -5.86
N GLU A 57 19.96 -9.47 -5.10
CA GLU A 57 21.16 -10.31 -5.03
C GLU A 57 21.52 -10.87 -6.42
N TYR A 58 20.51 -11.35 -7.12
CA TYR A 58 20.67 -11.90 -8.47
C TYR A 58 21.15 -10.84 -9.47
N LEU A 59 20.65 -9.62 -9.33
CA LEU A 59 21.08 -8.51 -10.17
C LEU A 59 22.54 -8.17 -9.88
N ASN A 60 22.86 -8.16 -8.59
CA ASN A 60 24.22 -7.92 -8.16
C ASN A 60 25.15 -8.98 -8.73
N ASP A 61 24.74 -10.25 -8.67
CA ASP A 61 25.58 -11.32 -9.21
C ASP A 61 25.76 -11.19 -10.71
N LEU A 62 24.66 -10.94 -11.41
CA LEU A 62 24.70 -10.76 -12.85
C LEU A 62 25.69 -9.69 -13.30
N PHE A 63 25.79 -8.60 -12.52
CA PHE A 63 26.63 -7.49 -12.92
C PHE A 63 28.08 -7.68 -12.48
N MET A 64 28.26 -8.25 -11.29
CA MET A 64 29.57 -8.66 -10.84
C MET A 64 30.26 -9.65 -11.78
N LYS A 65 29.50 -10.51 -12.44
CA LYS A 65 30.06 -11.47 -13.41
C LYS A 65 30.46 -10.75 -14.69
N ASN A 66 30.04 -9.51 -14.85
CA ASN A 66 30.31 -8.78 -16.08
C ASN A 66 30.82 -7.36 -15.84
N PRO A 67 31.95 -7.24 -15.15
CA PRO A 67 32.52 -5.93 -14.79
C PRO A 67 32.83 -5.04 -16.01
N ALA A 68 33.26 -5.66 -17.12
CA ALA A 68 33.53 -4.92 -18.34
C ALA A 68 32.29 -4.16 -18.84
N ILE A 69 31.11 -4.74 -18.59
CA ILE A 69 29.87 -4.23 -19.16
C ILE A 69 29.33 -3.11 -18.32
N ILE A 70 29.51 -1.88 -18.79
CA ILE A 70 29.11 -0.70 -18.03
C ILE A 70 28.01 0.07 -18.77
N GLY A 71 27.25 0.87 -18.05
CA GLY A 71 26.12 1.57 -18.66
C GLY A 71 24.84 0.76 -18.51
N HIS A 72 23.69 1.41 -18.65
CA HIS A 72 22.43 0.71 -18.50
C HIS A 72 22.08 -0.04 -19.78
N GLU A 73 22.22 0.61 -20.92
CA GLU A 73 22.03 -0.07 -22.19
C GLU A 73 22.67 -1.45 -22.15
N ALA A 74 24.00 -1.50 -22.03
CA ALA A 74 24.74 -2.76 -22.12
C ALA A 74 24.32 -3.74 -21.02
N ARG A 75 24.15 -3.20 -19.82
CA ARG A 75 23.73 -4.03 -18.70
C ARG A 75 22.33 -4.65 -18.87
N TYR A 76 21.41 -3.94 -19.53
CA TYR A 76 20.10 -4.51 -19.81
C TYR A 76 20.24 -5.74 -20.74
N LYS A 77 21.13 -5.64 -21.72
CA LYS A 77 21.40 -6.73 -22.65
C LYS A 77 21.70 -8.07 -21.96
N LEU A 78 22.34 -8.02 -20.80
CA LEU A 78 22.70 -9.23 -20.10
C LEU A 78 21.49 -10.08 -19.72
N PHE A 79 20.29 -9.59 -19.98
CA PHE A 79 19.11 -10.37 -19.55
C PHE A 79 18.69 -11.46 -20.53
N ASN A 80 19.02 -11.28 -21.82
CA ASN A 80 18.60 -12.23 -22.85
C ASN A 80 17.13 -12.55 -22.78
N SER A 81 16.32 -11.55 -22.41
CA SER A 81 14.89 -11.73 -22.27
C SER A 81 14.22 -10.43 -21.95
N PRO A 82 13.41 -9.92 -22.89
CA PRO A 82 12.56 -8.73 -22.72
C PRO A 82 11.57 -8.87 -21.56
N THR A 83 11.00 -10.04 -21.36
CA THR A 83 10.04 -10.22 -20.27
C THR A 83 10.72 -10.17 -18.91
N LEU A 84 11.83 -10.90 -18.78
CA LEU A 84 12.65 -10.86 -17.57
C LEU A 84 13.25 -9.49 -17.32
N LEU A 85 13.75 -8.86 -18.38
CA LEU A 85 14.28 -7.51 -18.24
C LEU A 85 13.21 -6.66 -17.58
N PHE A 86 11.97 -6.89 -18.01
CA PHE A 86 10.84 -6.10 -17.56
C PHE A 86 10.43 -6.41 -16.12
N LEU A 87 10.43 -7.69 -15.77
CA LEU A 87 10.06 -8.10 -14.41
C LEU A 87 11.17 -7.84 -13.39
N LEU A 88 12.43 -7.95 -13.81
CA LEU A 88 13.53 -8.04 -12.87
C LEU A 88 14.40 -6.80 -12.67
N SER A 89 14.65 -6.05 -13.73
CA SER A 89 15.67 -4.99 -13.70
C SER A 89 15.24 -3.77 -12.89
N ARG A 90 16.23 -3.00 -12.44
CA ARG A 90 15.98 -1.67 -11.91
C ARG A 90 16.09 -0.64 -13.04
N GLY A 91 15.76 0.60 -12.68
CA GLY A 91 15.76 1.71 -13.62
C GLY A 91 17.12 1.94 -14.25
N LYS A 92 17.14 2.85 -15.22
CA LYS A 92 18.32 3.08 -16.04
C LYS A 92 19.43 3.75 -15.24
N ALA A 93 19.09 4.83 -14.55
CA ALA A 93 20.06 5.49 -13.69
C ALA A 93 20.56 4.57 -12.57
N ALA A 94 19.66 3.79 -11.97
CA ALA A 94 20.06 2.83 -10.94
C ALA A 94 21.00 1.77 -11.49
N THR A 95 20.78 1.37 -12.74
CA THR A 95 21.61 0.38 -13.40
C THR A 95 22.93 1.00 -13.86
N GLU A 96 22.86 2.18 -14.45
CA GLU A 96 24.04 2.91 -14.92
C GLU A 96 24.99 3.14 -13.74
N ASN A 97 24.41 3.42 -12.58
CA ASN A 97 25.16 3.85 -11.40
C ASN A 97 25.67 2.70 -10.54
N TRP A 98 25.18 1.49 -10.79
CA TRP A 98 25.57 0.33 -10.03
C TRP A 98 27.10 0.14 -10.08
N SER A 99 27.67 -0.36 -8.98
CA SER A 99 29.09 -0.72 -8.95
C SER A 99 29.35 -1.68 -7.81
N ILE A 100 30.54 -2.27 -7.78
CA ILE A 100 30.89 -3.21 -6.71
C ILE A 100 30.76 -2.52 -5.35
N GLU A 101 30.98 -1.20 -5.34
CA GLU A 101 30.86 -0.35 -4.14
C GLU A 101 29.44 0.15 -3.88
N ASN A 102 28.60 0.21 -4.93
CA ASN A 102 27.24 0.77 -4.83
C ASN A 102 26.19 -0.26 -5.25
N LEU A 103 26.14 -1.37 -4.52
CA LEU A 103 25.35 -2.53 -4.92
C LEU A 103 23.86 -2.28 -4.73
N PHE A 104 23.04 -3.06 -5.43
CA PHE A 104 21.59 -3.03 -5.21
C PHE A 104 21.26 -3.57 -3.85
N GLU A 105 20.21 -3.03 -3.26
CA GLU A 105 19.70 -3.56 -2.00
C GLU A 105 18.21 -3.79 -2.15
N GLU A 106 17.62 -4.42 -1.13
CA GLU A 106 16.19 -4.71 -1.13
C GLU A 106 15.45 -3.49 -1.63
N LYS A 107 14.49 -3.69 -2.53
CA LYS A 107 13.70 -2.59 -3.04
C LYS A 107 12.20 -2.86 -2.83
N GLN A 108 11.53 -1.90 -2.20
CA GLN A 108 10.11 -1.97 -1.86
C GLN A 108 9.31 -2.55 -3.01
N ASN A 109 9.49 -1.93 -4.17
CA ASN A 109 8.75 -2.21 -5.38
C ASN A 109 9.10 -3.50 -6.10
N ASP A 110 10.12 -4.22 -5.64
CA ASP A 110 10.59 -5.35 -6.44
C ASP A 110 9.49 -6.41 -6.68
N THR A 111 9.54 -7.01 -7.88
CA THR A 111 8.55 -8.00 -8.28
C THR A 111 8.50 -9.20 -7.33
N ALA A 112 9.66 -9.79 -7.06
CA ALA A 112 9.70 -11.06 -6.34
C ALA A 112 10.50 -11.01 -5.04
N ASP A 113 10.13 -11.86 -4.08
CA ASP A 113 10.87 -11.99 -2.83
C ASP A 113 12.10 -12.86 -3.01
N ILE A 114 11.96 -13.92 -3.78
CA ILE A 114 13.05 -14.87 -3.95
C ILE A 114 13.05 -15.33 -5.38
N LEU A 115 14.23 -15.54 -5.94
CA LEU A 115 14.33 -16.14 -7.26
C LEU A 115 14.99 -17.50 -7.14
N LEU A 116 14.33 -18.51 -7.71
CA LEU A 116 14.96 -19.81 -7.89
C LEU A 116 15.30 -19.97 -9.36
N VAL A 117 16.61 -19.96 -9.67
CA VAL A 117 17.05 -20.04 -11.05
C VAL A 117 17.86 -21.29 -11.25
N LYS A 118 17.68 -21.94 -12.40
CA LYS A 118 18.44 -23.14 -12.76
C LYS A 118 18.31 -23.46 -14.23
N ASP A 119 19.44 -23.55 -14.92
CA ASP A 119 19.43 -23.91 -16.33
C ASP A 119 18.59 -22.93 -17.11
N GLN A 120 18.73 -21.65 -16.79
CA GLN A 120 18.00 -20.58 -17.47
C GLN A 120 16.48 -20.62 -17.26
N PHE A 121 16.02 -21.40 -16.28
CA PHE A 121 14.60 -21.34 -15.97
C PHE A 121 14.37 -20.61 -14.66
N TYR A 122 13.39 -19.71 -14.67
CA TYR A 122 13.20 -18.79 -13.57
C TYR A 122 11.91 -19.04 -12.80
N GLU A 123 12.06 -19.25 -11.50
CA GLU A 123 10.90 -19.28 -10.63
C GLU A 123 10.92 -18.04 -9.75
N LEU A 124 9.99 -17.14 -10.01
CA LEU A 124 9.81 -15.97 -9.15
C LEU A 124 8.90 -16.36 -8.00
N LEU A 125 9.43 -16.32 -6.79
CA LEU A 125 8.69 -16.78 -5.61
C LEU A 125 8.37 -15.65 -4.66
N ASP A 126 7.09 -15.50 -4.34
CA ASP A 126 6.69 -14.63 -3.24
C ASP A 126 6.36 -15.38 -1.97
N VAL A 127 6.74 -14.80 -0.84
CA VAL A 127 6.28 -15.32 0.43
C VAL A 127 5.20 -14.37 0.93
N LYS A 128 3.96 -14.85 1.01
CA LYS A 128 2.89 -14.07 1.64
C LYS A 128 2.76 -14.56 3.07
N THR A 129 2.51 -13.65 4.00
CA THR A 129 2.33 -14.04 5.38
C THR A 129 0.91 -13.72 5.79
N ARG A 130 0.32 -14.58 6.62
CA ARG A 130 -1.05 -14.38 7.06
C ARG A 130 -1.30 -14.61 8.53
N ASN A 131 -1.87 -13.59 9.17
CA ASN A 131 -2.35 -13.71 10.52
C ASN A 131 -3.69 -14.44 10.56
N ILE A 132 -3.65 -15.75 10.83
CA ILE A 132 -4.87 -16.56 10.81
C ILE A 132 -5.90 -16.13 11.87
N SER A 133 -5.48 -15.36 12.87
CA SER A 133 -6.46 -14.89 13.86
C SER A 133 -7.47 -13.96 13.22
N LYS A 134 -6.96 -12.97 12.48
CA LYS A 134 -7.78 -11.93 11.86
C LYS A 134 -8.75 -12.52 10.84
N SER A 135 -9.77 -11.73 10.48
CA SER A 135 -10.71 -12.14 9.44
C SER A 135 -9.98 -12.28 8.11
N ALA A 136 -10.36 -13.25 7.30
CA ALA A 136 -9.76 -13.37 5.99
C ALA A 136 -9.87 -12.09 5.16
N PHE A 137 -8.74 -11.66 4.62
CA PHE A 137 -8.70 -10.51 3.74
C PHE A 137 -7.65 -10.81 2.68
N ALA A 138 -8.10 -11.18 1.48
CA ALA A 138 -7.14 -11.56 0.45
C ALA A 138 -6.13 -10.42 0.16
N PRO A 139 -4.83 -10.75 0.19
CA PRO A 139 -3.79 -9.73 -0.02
C PRO A 139 -3.58 -9.41 -1.50
N ASN A 140 -3.09 -8.20 -1.77
CA ASN A 140 -2.52 -7.92 -3.07
C ASN A 140 -1.45 -9.00 -3.39
N ILE A 141 -1.57 -9.62 -4.57
CA ILE A 141 -0.61 -10.60 -5.07
C ILE A 141 0.39 -9.95 -6.03
N ILE A 142 -0.16 -9.31 -7.05
CA ILE A 142 0.61 -8.73 -8.13
C ILE A 142 -0.33 -7.82 -8.94
N SER A 143 0.24 -6.79 -9.56
CA SER A 143 -0.55 -5.84 -10.33
C SER A 143 -1.13 -6.58 -11.55
N ALA A 144 -2.45 -6.46 -11.71
CA ALA A 144 -3.13 -7.02 -12.87
C ALA A 144 -2.56 -6.41 -14.17
N TYR A 145 -2.17 -5.14 -14.09
CA TYR A 145 -1.60 -4.40 -15.22
C TYR A 145 -0.21 -4.90 -15.58
N LYS A 146 0.63 -5.04 -14.57
CA LYS A 146 1.98 -5.56 -14.76
C LYS A 146 1.82 -6.94 -15.36
N LEU A 147 0.81 -7.67 -14.89
CA LEU A 147 0.58 -9.02 -15.36
C LEU A 147 0.12 -9.00 -16.80
N ALA A 148 -0.74 -8.04 -17.15
CA ALA A 148 -1.10 -7.86 -18.56
C ALA A 148 0.17 -7.61 -19.41
N GLN A 149 0.95 -6.60 -19.05
CA GLN A 149 2.19 -6.33 -19.78
C GLN A 149 3.02 -7.60 -19.89
N THR A 150 3.15 -8.32 -18.78
CA THR A 150 3.93 -9.54 -18.77
C THR A 150 3.41 -10.51 -19.81
N CYS A 151 2.10 -10.68 -19.85
CA CYS A 151 1.50 -11.60 -20.81
C CYS A 151 1.77 -11.15 -22.24
N ALA A 152 1.71 -9.84 -22.49
CA ALA A 152 1.92 -9.34 -23.84
C ALA A 152 3.38 -9.51 -24.27
N LYS A 153 4.30 -9.43 -23.34
CA LYS A 153 5.71 -9.55 -23.70
C LYS A 153 6.07 -11.00 -23.95
N MET A 154 5.42 -11.90 -23.23
CA MET A 154 5.64 -13.33 -23.43
C MET A 154 5.24 -13.69 -24.85
N ILE A 155 4.11 -13.16 -25.29
CA ILE A 155 3.58 -13.49 -26.61
C ILE A 155 4.43 -12.88 -27.72
N ASP A 156 4.69 -11.58 -27.62
CA ASP A 156 5.55 -10.89 -28.59
C ASP A 156 6.89 -11.55 -28.77
N ASN A 157 7.44 -12.10 -27.70
CA ASN A 157 8.79 -12.66 -27.75
C ASN A 157 8.78 -14.19 -27.64
N LYS A 158 7.59 -14.77 -27.54
CA LYS A 158 7.42 -16.21 -27.55
C LYS A 158 8.15 -16.91 -26.41
N GLU A 159 8.14 -16.28 -25.24
CA GLU A 159 8.79 -16.85 -24.06
C GLU A 159 7.77 -17.53 -23.16
N PHE A 160 7.35 -18.73 -23.53
CA PHE A 160 6.32 -19.44 -22.77
C PHE A 160 6.90 -20.56 -21.92
N ASP A 161 8.23 -20.68 -21.90
CA ASP A 161 8.87 -21.75 -21.17
C ASP A 161 10.11 -21.24 -20.46
N LEU A 162 10.02 -20.04 -19.91
CA LEU A 162 11.18 -19.38 -19.33
C LEU A 162 11.06 -19.18 -17.82
N PHE A 163 9.85 -18.92 -17.33
CA PHE A 163 9.67 -18.57 -15.94
C PHE A 163 8.25 -18.81 -15.46
N ASP A 164 8.16 -19.12 -14.17
CA ASP A 164 6.90 -19.33 -13.47
C ASP A 164 6.79 -18.23 -12.43
N ILE A 165 5.56 -17.96 -11.98
CA ILE A 165 5.35 -17.06 -10.86
C ILE A 165 4.55 -17.81 -9.82
N ASN A 166 5.19 -18.17 -8.70
CA ASN A 166 4.54 -18.99 -7.68
C ASN A 166 4.50 -18.34 -6.30
N TYR A 167 3.70 -18.91 -5.41
CA TYR A 167 3.44 -18.30 -4.11
C TYR A 167 3.54 -19.29 -2.98
N LEU A 168 4.12 -18.83 -1.87
CA LEU A 168 4.18 -19.60 -0.63
C LEU A 168 3.59 -18.76 0.50
N GLU A 169 2.49 -19.23 1.06
CA GLU A 169 1.77 -18.50 2.10
C GLU A 169 2.12 -19.12 3.45
N VAL A 170 2.56 -18.27 4.39
CA VAL A 170 2.88 -18.71 5.75
C VAL A 170 1.82 -18.24 6.74
N ASP A 171 0.99 -19.17 7.20
CA ASP A 171 -0.01 -18.87 8.23
C ASP A 171 0.65 -18.79 9.59
N TRP A 172 0.30 -17.78 10.37
CA TRP A 172 0.89 -17.60 11.69
C TRP A 172 -0.10 -17.02 12.71
N GLU A 173 0.22 -17.15 13.98
CA GLU A 173 -0.61 -16.58 15.05
C GLU A 173 0.25 -16.10 16.21
N LEU A 174 -0.27 -15.13 16.95
CA LEU A 174 0.43 -14.65 18.14
C LEU A 174 0.25 -15.64 19.28
N ASN A 175 1.35 -16.26 19.71
CA ASN A 175 1.33 -17.15 20.86
C ASN A 175 2.15 -16.52 21.96
N GLY A 176 1.47 -15.88 22.91
CA GLY A 176 2.15 -15.19 23.98
C GLY A 176 2.94 -14.00 23.47
N GLU A 177 4.26 -14.13 23.43
CA GLU A 177 5.13 -13.01 23.07
C GLU A 177 5.94 -13.22 21.81
N ASP A 178 5.52 -14.17 20.98
CA ASP A 178 6.08 -14.31 19.64
C ASP A 178 5.09 -14.90 18.61
N LEU A 179 5.41 -14.73 17.33
CA LEU A 179 4.58 -15.30 16.27
C LEU A 179 5.02 -16.71 16.01
N VAL A 180 4.05 -17.59 15.74
CA VAL A 180 4.37 -18.96 15.40
C VAL A 180 3.61 -19.38 14.15
N CYS A 181 4.28 -20.12 13.28
CA CYS A 181 3.67 -20.60 12.05
C CYS A 181 2.85 -21.87 12.29
N VAL A 182 1.59 -21.85 11.83
CA VAL A 182 0.66 -22.96 12.07
C VAL A 182 0.37 -23.80 10.81
N SER A 183 0.71 -23.28 9.64
CA SER A 183 0.51 -24.01 8.39
C SER A 183 1.00 -23.19 7.22
N THR A 184 0.99 -23.79 6.04
CA THR A 184 1.40 -23.08 4.84
C THR A 184 0.67 -23.62 3.61
N SER A 185 0.82 -22.89 2.50
CA SER A 185 0.21 -23.27 1.23
C SER A 185 1.15 -22.89 0.11
N PHE A 186 0.95 -23.54 -1.04
CA PHE A 186 1.80 -23.26 -2.19
C PHE A 186 0.95 -23.34 -3.44
N ALA A 187 1.04 -22.33 -4.29
CA ALA A 187 0.24 -22.34 -5.50
C ALA A 187 1.07 -21.76 -6.62
N GLU A 188 0.65 -22.04 -7.86
CA GLU A 188 1.37 -21.59 -9.03
C GLU A 188 0.45 -20.68 -9.84
N LEU A 189 0.84 -19.42 -9.97
CA LEU A 189 -0.02 -18.46 -10.68
C LEU A 189 -0.49 -19.05 -12.00
N PHE A 190 0.46 -19.62 -12.73
CA PHE A 190 0.21 -20.06 -14.09
C PHE A 190 -0.53 -21.40 -14.20
N LYS A 191 -1.00 -21.92 -13.06
CA LYS A 191 -1.83 -23.12 -13.07
C LYS A 191 -3.28 -22.80 -12.73
N SER A 192 -3.57 -21.53 -12.48
CA SER A 192 -4.94 -21.11 -12.16
C SER A 192 -5.67 -20.73 -13.43
N GLU A 193 -7.01 -20.76 -13.33
CA GLU A 193 -7.87 -20.33 -14.42
C GLU A 193 -7.85 -18.81 -14.43
N PRO A 194 -7.24 -18.24 -15.48
CA PRO A 194 -7.00 -16.79 -15.55
C PRO A 194 -8.28 -15.99 -15.33
N SER A 195 -9.40 -16.45 -15.90
CA SER A 195 -10.67 -15.70 -15.82
C SER A 195 -11.25 -15.78 -14.43
N GLU A 196 -10.51 -16.42 -13.53
CA GLU A 196 -10.98 -16.61 -12.17
C GLU A 196 -10.24 -15.67 -11.21
N LEU A 197 -9.16 -15.06 -11.71
CA LEU A 197 -8.38 -14.12 -10.92
C LEU A 197 -9.20 -12.85 -10.60
N TYR A 198 -9.34 -12.56 -9.32
CA TYR A 198 -10.01 -11.35 -8.85
C TYR A 198 -9.14 -10.07 -8.93
N ILE A 199 -9.47 -9.21 -9.89
CA ILE A 199 -8.80 -7.93 -10.00
C ILE A 199 -9.50 -6.87 -9.16
N ASN A 200 -8.81 -6.43 -8.14
CA ASN A 200 -9.30 -5.32 -7.32
C ASN A 200 -8.72 -3.98 -7.83
N TRP A 201 -9.45 -3.35 -8.73
CA TRP A 201 -9.05 -2.09 -9.32
C TRP A 201 -8.66 -0.97 -8.32
N ALA A 202 -9.46 -0.78 -7.27
CA ALA A 202 -9.14 0.20 -6.22
C ALA A 202 -7.84 -0.15 -5.51
N ALA A 203 -7.65 -1.44 -5.25
CA ALA A 203 -6.49 -1.91 -4.51
C ALA A 203 -5.24 -1.90 -5.40
N ALA A 204 -4.87 -0.72 -5.88
CA ALA A 204 -3.73 -0.55 -6.80
C ALA A 204 -3.78 -1.57 -7.94
N MET A 205 -4.97 -1.79 -8.46
CA MET A 205 -5.17 -2.72 -9.58
C MET A 205 -4.56 -4.13 -9.35
N GLN A 206 -4.63 -4.65 -8.13
CA GLN A 206 -3.96 -5.89 -7.80
C GLN A 206 -4.84 -7.11 -7.91
N ILE A 207 -4.32 -8.17 -8.51
CA ILE A 207 -4.92 -9.49 -8.31
C ILE A 207 -4.85 -9.71 -6.80
N GLN A 208 -5.93 -10.24 -6.24
CA GLN A 208 -5.95 -10.60 -4.84
C GLN A 208 -6.47 -12.02 -4.59
N PHE A 209 -5.77 -12.78 -3.76
CA PHE A 209 -6.25 -14.07 -3.26
C PHE A 209 -5.41 -14.58 -2.09
N HIS A 210 -5.92 -15.57 -1.37
CA HIS A 210 -5.05 -16.34 -0.51
C HIS A 210 -4.61 -17.53 -1.32
N VAL A 211 -3.32 -17.85 -1.23
CA VAL A 211 -2.72 -19.01 -1.88
C VAL A 211 -3.59 -20.26 -1.72
N ARG A 212 -4.07 -20.53 -0.50
CA ARG A 212 -4.80 -21.77 -0.29
C ARG A 212 -6.04 -21.87 -1.18
N ASP A 213 -6.57 -20.72 -1.58
CA ASP A 213 -7.78 -20.68 -2.40
C ASP A 213 -7.48 -20.76 -3.87
N LEU A 214 -6.24 -20.46 -4.26
CA LEU A 214 -5.93 -20.38 -5.69
C LEU A 214 -6.22 -21.69 -6.46
N ASP A 215 -7.09 -21.57 -7.45
CA ASP A 215 -7.43 -22.64 -8.38
C ASP A 215 -6.17 -23.17 -9.08
N GLN A 216 -6.05 -24.48 -9.28
CA GLN A 216 -4.84 -25.04 -9.87
C GLN A 216 -5.08 -26.00 -11.06
N GLY A 217 -6.18 -25.80 -11.79
CA GLY A 217 -6.54 -26.74 -12.83
C GLY A 217 -6.46 -26.26 -14.27
N PHE A 218 -5.81 -25.14 -14.54
CA PHE A 218 -5.67 -24.72 -15.92
C PHE A 218 -5.09 -25.86 -16.78
N ASN A 219 -5.57 -25.94 -18.02
CA ASN A 219 -5.31 -27.09 -18.88
C ASN A 219 -4.43 -26.78 -20.07
N GLY A 220 -4.66 -25.64 -20.67
CA GLY A 220 -3.95 -25.30 -21.89
C GLY A 220 -2.48 -25.07 -21.69
N THR A 221 -1.85 -24.44 -22.69
CA THR A 221 -0.43 -24.11 -22.68
C THR A 221 -0.16 -22.75 -22.00
N ARG A 222 1.11 -22.44 -21.77
CA ARG A 222 1.49 -21.14 -21.21
C ARG A 222 1.01 -19.99 -22.10
N GLU A 223 1.08 -20.20 -23.41
CA GLU A 223 0.58 -19.23 -24.37
C GLU A 223 -0.93 -19.01 -24.24
N GLU A 224 -1.66 -20.09 -23.99
CA GLU A 224 -3.11 -19.99 -23.92
C GLU A 224 -3.53 -19.23 -22.68
N TRP A 225 -2.77 -19.44 -21.61
CA TRP A 225 -2.97 -18.78 -20.33
C TRP A 225 -2.80 -17.28 -20.52
N ALA A 226 -1.75 -16.90 -21.23
CA ALA A 226 -1.49 -15.50 -21.48
C ALA A 226 -2.64 -14.87 -22.24
N LYS A 227 -3.03 -15.49 -23.35
CA LYS A 227 -4.15 -14.99 -24.16
C LYS A 227 -5.40 -14.86 -23.31
N SER A 228 -5.69 -15.89 -22.53
CA SER A 228 -6.91 -15.92 -21.75
C SER A 228 -6.89 -14.87 -20.65
N TYR A 229 -5.75 -14.73 -19.98
CA TYR A 229 -5.64 -13.67 -18.99
C TYR A 229 -5.81 -12.28 -19.63
N LEU A 230 -5.22 -12.05 -20.81
CA LEU A 230 -5.38 -10.75 -21.46
C LEU A 230 -6.85 -10.49 -21.82
N LYS A 231 -7.58 -11.56 -22.14
CA LYS A 231 -8.99 -11.40 -22.44
C LYS A 231 -9.71 -10.98 -21.17
N HIS A 232 -9.41 -11.67 -20.07
CA HIS A 232 -10.03 -11.39 -18.78
C HIS A 232 -9.71 -9.95 -18.30
N PHE A 233 -8.45 -9.57 -18.43
CA PHE A 233 -8.02 -8.23 -18.07
C PHE A 233 -8.80 -7.14 -18.79
N VAL A 234 -8.84 -7.25 -20.12
CA VAL A 234 -9.51 -6.27 -20.96
C VAL A 234 -11.02 -6.20 -20.63
N THR A 235 -11.60 -7.36 -20.34
CA THR A 235 -13.00 -7.41 -19.99
C THR A 235 -13.25 -6.74 -18.64
N GLN A 236 -12.39 -7.04 -17.67
CA GLN A 236 -12.56 -6.45 -16.35
C GLN A 236 -12.32 -4.95 -16.41
N ALA A 237 -11.38 -4.55 -17.28
CA ALA A 237 -11.08 -3.13 -17.42
C ALA A 237 -12.29 -2.35 -17.98
N GLU A 238 -12.95 -2.92 -18.99
CA GLU A 238 -14.16 -2.32 -19.56
C GLU A 238 -15.26 -2.22 -18.52
N GLN A 239 -15.46 -3.30 -17.78
CA GLN A 239 -16.50 -3.30 -16.79
C GLN A 239 -16.24 -2.23 -15.73
N ARG A 240 -14.98 -2.10 -15.31
CA ARG A 240 -14.62 -1.16 -14.26
C ARG A 240 -14.85 0.28 -14.71
N ALA A 241 -14.50 0.57 -15.97
CA ALA A 241 -14.73 1.91 -16.52
C ALA A 241 -16.16 2.42 -16.32
N ILE A 242 -17.15 1.62 -16.74
CA ILE A 242 -18.55 2.05 -16.58
C ILE A 242 -19.01 1.92 -15.14
N SER A 243 -18.40 0.99 -14.42
CA SER A 243 -18.71 0.78 -13.02
C SER A 243 -18.24 1.97 -12.17
N MET A 244 -17.29 2.75 -12.70
CA MET A 244 -16.82 3.95 -12.03
C MET A 244 -17.82 5.11 -12.09
N ILE A 245 -18.52 5.25 -13.21
CA ILE A 245 -19.55 6.27 -13.35
C ILE A 245 -20.61 6.05 -12.27
N ASP A 246 -21.00 4.79 -12.12
CA ASP A 246 -22.09 4.43 -11.23
C ASP A 246 -21.71 4.61 -9.75
N LYS A 247 -20.43 4.39 -9.41
CA LYS A 247 -20.02 4.39 -8.01
C LYS A 247 -19.32 5.69 -7.60
N PHE A 248 -18.64 6.34 -8.52
CA PHE A 248 -17.85 7.49 -8.10
C PHE A 248 -18.38 8.80 -8.67
N VAL A 249 -19.34 8.70 -9.58
CA VAL A 249 -19.92 9.90 -10.17
C VAL A 249 -21.38 10.10 -9.75
N LYS A 250 -22.22 9.13 -10.10
CA LYS A 250 -23.64 9.21 -9.84
C LYS A 250 -23.92 9.65 -8.40
N PRO A 251 -23.41 8.89 -7.42
CA PRO A 251 -23.69 9.18 -6.00
C PRO A 251 -23.37 10.62 -5.58
N PHE A 252 -22.57 11.34 -6.34
CA PHE A 252 -22.14 12.66 -5.88
C PHE A 252 -22.69 13.83 -6.68
N LYS A 253 -23.15 13.52 -7.89
CA LYS A 253 -23.71 14.52 -8.80
C LYS A 253 -24.68 15.48 -8.11
N LYS A 254 -25.50 14.97 -7.21
CA LYS A 254 -26.50 15.81 -6.55
C LYS A 254 -25.88 17.06 -5.92
N TYR A 255 -24.75 16.88 -5.24
CA TYR A 255 -24.18 17.96 -4.43
C TYR A 255 -23.60 19.08 -5.27
N ILE A 256 -23.75 19.03 -6.59
CA ILE A 256 -23.10 20.01 -7.46
C ILE A 256 -23.89 20.47 -8.69
N SER B 1 -6.23 25.60 12.95
CA SER B 1 -5.30 24.67 13.57
C SER B 1 -4.91 25.07 15.00
N PHE B 2 -4.78 24.06 15.86
CA PHE B 2 -4.26 24.22 17.22
C PHE B 2 -2.75 24.11 17.15
N ILE B 3 -2.30 23.36 16.15
CA ILE B 3 -0.89 23.11 15.87
C ILE B 3 -0.19 24.34 15.31
N LYS B 4 -0.83 24.99 14.35
CA LYS B 4 -0.24 26.08 13.57
C LYS B 4 0.41 27.20 14.39
N PRO B 5 -0.33 27.76 15.38
CA PRO B 5 0.21 28.82 16.22
C PRO B 5 1.54 28.46 16.88
N ILE B 6 1.80 27.17 17.08
CA ILE B 6 3.05 26.73 17.70
C ILE B 6 3.97 25.97 16.74
N TYR B 7 3.75 26.15 15.44
CA TYR B 7 4.56 25.45 14.46
C TYR B 7 6.07 25.73 14.61
N GLN B 8 6.43 26.98 14.86
CA GLN B 8 7.83 27.33 15.08
C GLN B 8 8.42 26.40 16.13
N ASP B 9 7.72 26.29 17.25
CA ASP B 9 8.15 25.47 18.37
C ASP B 9 8.48 24.07 17.88
N ILE B 10 7.47 23.42 17.29
CA ILE B 10 7.64 22.07 16.75
C ILE B 10 8.87 21.99 15.88
N ASN B 11 8.85 22.75 14.80
CA ASN B 11 9.99 22.87 13.89
C ASN B 11 11.30 22.92 14.66
N SER B 12 11.40 23.85 15.59
CA SER B 12 12.65 24.06 16.33
C SER B 12 13.09 22.85 17.16
N ILE B 13 12.15 22.11 17.71
CA ILE B 13 12.50 20.91 18.48
C ILE B 13 12.84 19.71 17.59
N LEU B 14 12.22 19.64 16.41
CA LEU B 14 12.42 18.50 15.51
C LEU B 14 13.70 18.61 14.70
N ILE B 15 14.01 19.79 14.20
CA ILE B 15 15.19 19.95 13.36
C ILE B 15 16.47 19.55 14.11
N GLY B 16 17.19 18.58 13.56
CA GLY B 16 18.41 18.11 14.18
C GLY B 16 18.28 16.84 14.99
N GLN B 17 17.07 16.44 15.33
CA GLN B 17 16.87 15.18 16.06
C GLN B 17 17.39 13.98 15.23
N LYS B 18 17.77 12.90 15.90
CA LYS B 18 18.30 11.71 15.22
C LYS B 18 17.67 10.41 15.68
N VAL B 19 17.89 9.34 14.92
CA VAL B 19 17.39 7.99 15.24
C VAL B 19 17.91 6.94 14.26
N PRO B 35 11.36 4.06 6.03
CA PRO B 35 10.45 4.97 6.76
C PRO B 35 10.81 5.03 8.25
N PHE B 36 11.07 6.24 8.72
CA PHE B 36 11.41 6.46 10.12
C PHE B 36 10.27 7.07 10.95
N GLU B 37 9.43 6.21 11.54
CA GLU B 37 8.37 6.64 12.44
C GLU B 37 8.89 7.62 13.50
N LYS B 38 8.63 8.90 13.26
CA LYS B 38 9.19 9.97 14.07
C LYS B 38 8.11 10.53 14.99
N LEU B 39 8.47 10.68 16.27
CA LEU B 39 7.54 11.08 17.33
C LEU B 39 6.54 12.15 16.92
N VAL B 40 6.88 13.41 17.23
CA VAL B 40 5.97 14.56 17.15
C VAL B 40 4.88 14.46 18.21
N TYR B 41 4.24 13.30 18.25
CA TYR B 41 3.26 12.99 19.27
C TYR B 41 3.79 13.37 20.64
N LYS B 42 5.00 12.92 20.92
CA LYS B 42 5.67 13.24 22.17
C LYS B 42 5.58 14.73 22.47
N PHE B 43 6.10 15.55 21.56
CA PHE B 43 6.07 17.00 21.73
C PHE B 43 4.64 17.46 21.99
N LEU B 44 3.76 17.24 21.01
CA LEU B 44 2.38 17.68 21.10
C LEU B 44 1.73 17.29 22.43
N LYS B 45 1.99 16.07 22.87
CA LYS B 45 1.47 15.58 24.13
C LYS B 45 1.94 16.42 25.32
N GLU B 46 3.25 16.65 25.38
CA GLU B 46 3.87 17.32 26.53
C GLU B 46 3.59 18.82 26.55
N ASN B 47 2.95 19.31 25.50
CA ASN B 47 2.68 20.74 25.38
C ASN B 47 1.19 21.05 25.22
N LEU B 48 0.44 20.09 24.71
CA LEU B 48 -1.01 20.18 24.61
C LEU B 48 -1.65 18.92 25.16
N SER B 49 -1.21 18.52 26.36
CA SER B 49 -1.65 17.27 26.97
C SER B 49 -3.14 16.98 26.80
N ASP B 50 -4.00 17.89 27.23
CA ASP B 50 -5.43 17.60 27.20
C ASP B 50 -6.05 17.77 25.81
N LEU B 51 -5.24 18.03 24.81
CA LEU B 51 -5.78 18.19 23.47
C LEU B 51 -5.38 17.06 22.50
N THR B 52 -4.32 16.33 22.86
CA THR B 52 -3.62 15.46 21.93
C THR B 52 -3.92 13.97 22.11
N PHE B 53 -4.13 13.26 21.00
CA PHE B 53 -4.44 11.82 21.05
C PHE B 53 -4.02 11.06 19.80
N LYS B 54 -3.48 9.87 19.96
CA LYS B 54 -3.56 8.90 18.90
C LYS B 54 -5.06 8.74 18.62
N GLN B 55 -5.44 8.28 17.43
CA GLN B 55 -6.87 8.12 17.13
C GLN B 55 -7.47 7.06 18.03
N TYR B 56 -6.77 5.93 18.14
CA TYR B 56 -7.31 4.78 18.84
C TYR B 56 -7.44 5.11 20.33
N GLU B 57 -6.54 5.97 20.78
CA GLU B 57 -6.52 6.43 22.16
C GLU B 57 -7.70 7.37 22.43
N TYR B 58 -7.97 8.26 21.49
CA TYR B 58 -9.14 9.11 21.60
C TYR B 58 -10.44 8.30 21.66
N LEU B 59 -10.49 7.19 20.93
CA LEU B 59 -11.67 6.34 20.97
C LEU B 59 -11.83 5.74 22.36
N ASN B 60 -10.75 5.17 22.88
CA ASN B 60 -10.74 4.60 24.22
C ASN B 60 -11.21 5.65 25.22
N ASP B 61 -10.61 6.83 25.14
CA ASP B 61 -10.96 7.94 26.02
C ASP B 61 -12.47 8.20 26.01
N LEU B 62 -13.02 8.45 24.83
CA LEU B 62 -14.45 8.64 24.66
C LEU B 62 -15.30 7.54 25.33
N PHE B 63 -14.91 6.29 25.16
CA PHE B 63 -15.76 5.23 25.69
C PHE B 63 -15.59 5.08 27.20
N MET B 64 -14.36 5.20 27.69
CA MET B 64 -14.12 5.19 29.13
C MET B 64 -14.93 6.27 29.82
N LYS B 65 -15.07 7.43 29.19
CA LYS B 65 -15.76 8.55 29.82
C LYS B 65 -17.28 8.35 29.84
N ASN B 66 -17.75 7.26 29.25
CA ASN B 66 -19.17 6.93 29.24
C ASN B 66 -19.45 5.43 29.46
N PRO B 67 -19.04 4.89 30.61
CA PRO B 67 -19.26 3.46 30.92
C PRO B 67 -20.75 3.11 30.89
N ALA B 68 -21.59 4.12 31.06
CA ALA B 68 -23.03 3.91 31.01
C ALA B 68 -23.46 3.30 29.68
N ILE B 69 -22.87 3.77 28.58
CA ILE B 69 -23.26 3.29 27.26
C ILE B 69 -22.60 1.96 26.90
N ILE B 70 -23.32 1.14 26.14
CA ILE B 70 -22.82 -0.17 25.74
C ILE B 70 -23.49 -0.50 24.41
N GLY B 71 -22.89 -1.42 23.65
CA GLY B 71 -23.36 -1.65 22.31
C GLY B 71 -22.83 -0.58 21.37
N HIS B 72 -22.71 -0.94 20.09
CA HIS B 72 -22.09 -0.05 19.11
C HIS B 72 -23.01 1.10 18.74
N GLU B 73 -24.30 0.81 18.69
CA GLU B 73 -25.26 1.80 18.26
C GLU B 73 -25.30 2.96 19.25
N ALA B 74 -25.24 2.64 20.53
CA ALA B 74 -25.25 3.66 21.57
C ALA B 74 -23.94 4.44 21.57
N ARG B 75 -22.83 3.71 21.56
CA ARG B 75 -21.53 4.38 21.57
C ARG B 75 -21.29 5.18 20.29
N TYR B 76 -21.99 4.85 19.21
CA TYR B 76 -21.84 5.64 17.99
C TYR B 76 -22.49 7.01 18.18
N LYS B 77 -23.47 7.08 19.07
CA LYS B 77 -24.16 8.35 19.28
C LYS B 77 -23.26 9.33 20.05
N LEU B 78 -22.33 8.79 20.83
CA LEU B 78 -21.36 9.59 21.58
C LEU B 78 -20.54 10.53 20.69
N PHE B 79 -20.45 10.20 19.40
CA PHE B 79 -19.66 11.03 18.49
C PHE B 79 -20.36 12.36 18.22
N ASN B 80 -21.70 12.32 18.24
CA ASN B 80 -22.49 13.50 17.94
C ASN B 80 -22.13 14.10 16.61
N SER B 81 -21.96 13.25 15.60
CA SER B 81 -21.59 13.74 14.27
C SER B 81 -21.48 12.63 13.23
N PRO B 82 -22.41 12.60 12.28
CA PRO B 82 -22.28 11.62 11.20
C PRO B 82 -20.88 11.69 10.54
N THR B 83 -20.34 12.88 10.34
CA THR B 83 -19.08 12.99 9.63
C THR B 83 -17.91 12.41 10.45
N LEU B 84 -17.79 12.88 11.69
CA LEU B 84 -16.81 12.35 12.62
C LEU B 84 -16.99 10.86 12.86
N LEU B 85 -18.24 10.43 12.94
CA LEU B 85 -18.52 9.02 13.07
C LEU B 85 -17.88 8.30 11.88
N PHE B 86 -18.07 8.86 10.69
CA PHE B 86 -17.51 8.28 9.49
C PHE B 86 -15.99 8.24 9.55
N LEU B 87 -15.37 9.31 10.05
CA LEU B 87 -13.93 9.45 10.01
C LEU B 87 -13.18 8.71 11.12
N LEU B 88 -13.73 8.71 12.33
CA LEU B 88 -12.97 8.25 13.48
C LEU B 88 -13.31 6.84 13.99
N SER B 89 -14.56 6.42 13.79
CA SER B 89 -15.07 5.23 14.45
C SER B 89 -14.60 3.90 13.86
N ARG B 90 -14.42 2.91 14.74
CA ARG B 90 -14.22 1.54 14.29
C ARG B 90 -15.54 0.88 13.87
N GLY B 91 -15.45 -0.30 13.28
CA GLY B 91 -16.63 -1.06 12.88
C GLY B 91 -17.59 -1.37 14.04
N LYS B 92 -18.78 -1.84 13.69
CA LYS B 92 -19.82 -2.11 14.68
C LYS B 92 -19.40 -3.16 15.72
N ALA B 93 -18.92 -4.30 15.26
CA ALA B 93 -18.50 -5.37 16.17
C ALA B 93 -17.37 -4.94 17.13
N ALA B 94 -16.32 -4.33 16.60
CA ALA B 94 -15.19 -3.92 17.44
C ALA B 94 -15.59 -2.87 18.46
N THR B 95 -16.54 -2.02 18.07
CA THR B 95 -17.13 -1.05 19.00
C THR B 95 -17.94 -1.76 20.08
N GLU B 96 -18.84 -2.63 19.62
CA GLU B 96 -19.65 -3.45 20.50
C GLU B 96 -18.77 -4.20 21.51
N ASN B 97 -17.71 -4.83 21.02
CA ASN B 97 -16.85 -5.61 21.89
C ASN B 97 -15.87 -4.79 22.71
N TRP B 98 -15.82 -3.49 22.47
CA TRP B 98 -14.95 -2.64 23.27
C TRP B 98 -15.31 -2.78 24.74
N SER B 99 -14.27 -2.78 25.58
CA SER B 99 -14.44 -2.92 27.02
C SER B 99 -13.27 -2.23 27.71
N ILE B 100 -13.43 -1.83 28.97
CA ILE B 100 -12.32 -1.20 29.69
C ILE B 100 -11.14 -2.17 29.81
N GLU B 101 -11.43 -3.46 29.62
CA GLU B 101 -10.42 -4.51 29.71
C GLU B 101 -10.17 -5.03 28.31
N ASN B 102 -10.74 -4.35 27.32
CA ASN B 102 -10.55 -4.72 25.92
C ASN B 102 -10.43 -3.50 25.00
N LEU B 103 -9.33 -2.77 25.15
CA LEU B 103 -9.18 -1.49 24.50
C LEU B 103 -8.76 -1.57 23.03
N PHE B 104 -8.97 -0.47 22.31
CA PHE B 104 -8.55 -0.39 20.92
C PHE B 104 -7.04 -0.23 20.90
N GLU B 105 -6.42 -0.62 19.80
CA GLU B 105 -5.00 -0.44 19.65
C GLU B 105 -4.75 0.29 18.34
N GLU B 106 -3.51 0.68 18.11
CA GLU B 106 -3.16 1.33 16.85
C GLU B 106 -3.58 0.41 15.70
N LYS B 107 -4.26 0.99 14.72
CA LYS B 107 -4.65 0.25 13.52
C LYS B 107 -4.11 0.97 12.29
N GLN B 108 -3.35 0.24 11.46
CA GLN B 108 -2.71 0.84 10.28
C GLN B 108 -3.77 1.59 9.50
N ASN B 109 -4.97 1.04 9.52
CA ASN B 109 -6.05 1.51 8.69
C ASN B 109 -6.66 2.83 9.16
N ASP B 110 -6.32 3.26 10.36
CA ASP B 110 -6.94 4.48 10.91
C ASP B 110 -6.71 5.73 10.05
N THR B 111 -7.73 6.56 9.98
CA THR B 111 -7.67 7.81 9.22
C THR B 111 -6.50 8.72 9.59
N ALA B 112 -6.26 8.88 10.89
CA ALA B 112 -5.36 9.91 11.40
C ALA B 112 -4.22 9.38 12.30
N ASP B 113 -3.06 10.03 12.26
CA ASP B 113 -1.96 9.70 13.17
C ASP B 113 -2.23 10.30 14.53
N ILE B 114 -2.59 11.56 14.53
CA ILE B 114 -2.83 12.29 15.76
C ILE B 114 -4.05 13.15 15.63
N LEU B 115 -4.84 13.19 16.70
CA LEU B 115 -6.06 13.96 16.76
C LEU B 115 -5.92 14.99 17.89
N LEU B 116 -6.16 16.26 17.56
CA LEU B 116 -6.20 17.32 18.57
C LEU B 116 -7.63 17.83 18.68
N VAL B 117 -8.15 17.85 19.90
CA VAL B 117 -9.52 18.30 20.09
C VAL B 117 -9.62 19.30 21.23
N LYS B 118 -10.23 20.45 20.96
CA LYS B 118 -10.43 21.47 21.97
C LYS B 118 -11.77 22.13 21.69
N ASP B 119 -12.52 22.42 22.75
CA ASP B 119 -13.83 23.04 22.61
C ASP B 119 -14.66 22.36 21.54
N GLN B 120 -14.71 21.04 21.59
CA GLN B 120 -15.46 20.25 20.61
C GLN B 120 -15.17 20.71 19.18
N PHE B 121 -13.89 20.85 18.89
CA PHE B 121 -13.44 21.03 17.52
C PHE B 121 -12.28 20.06 17.31
N TYR B 122 -12.18 19.52 16.10
CA TYR B 122 -11.24 18.45 15.83
C TYR B 122 -10.20 18.81 14.77
N GLU B 123 -8.93 18.67 15.11
CA GLU B 123 -7.89 18.75 14.11
C GLU B 123 -7.35 17.35 13.87
N LEU B 124 -7.55 16.84 12.66
CA LEU B 124 -6.94 15.57 12.29
C LEU B 124 -5.57 15.85 11.72
N LEU B 125 -4.56 15.27 12.33
CA LEU B 125 -3.19 15.51 11.93
C LEU B 125 -2.52 14.23 11.48
N ASP B 126 -2.10 14.19 10.22
CA ASP B 126 -1.15 13.17 9.78
C ASP B 126 0.26 13.72 9.76
N VAL B 127 1.20 12.87 10.14
CA VAL B 127 2.61 13.19 10.07
C VAL B 127 3.23 12.37 8.96
N LYS B 128 3.53 13.00 7.83
CA LYS B 128 4.23 12.32 6.73
C LYS B 128 5.75 12.41 6.92
N THR B 129 6.45 11.31 6.67
CA THR B 129 7.90 11.36 6.71
C THR B 129 8.45 11.31 5.29
N ARG B 130 9.68 11.77 5.13
CA ARG B 130 10.24 11.87 3.80
C ARG B 130 11.76 11.84 3.75
N ASN B 131 12.29 10.81 3.09
CA ASN B 131 13.71 10.76 2.80
C ASN B 131 14.07 11.71 1.66
N ILE B 132 14.63 12.87 1.99
CA ILE B 132 14.99 13.85 0.96
C ILE B 132 16.29 13.52 0.26
N SER B 133 16.92 12.41 0.64
CA SER B 133 18.06 11.90 -0.09
C SER B 133 17.54 11.39 -1.44
N LYS B 134 16.44 10.66 -1.38
CA LYS B 134 15.87 10.03 -2.57
C LYS B 134 15.13 11.03 -3.48
N SER B 135 14.70 10.53 -4.63
CA SER B 135 13.99 11.36 -5.60
C SER B 135 12.53 11.46 -5.19
N ALA B 136 12.00 12.68 -5.29
CA ALA B 136 10.68 13.03 -4.76
C ALA B 136 9.52 12.25 -5.40
N PHE B 137 8.72 11.63 -4.55
CA PHE B 137 7.58 10.81 -4.96
C PHE B 137 6.42 11.14 -4.03
N ALA B 138 5.40 11.80 -4.53
CA ALA B 138 4.30 12.22 -3.66
C ALA B 138 3.63 11.01 -3.00
N PRO B 139 3.47 11.05 -1.66
CA PRO B 139 2.91 9.96 -0.87
C PRO B 139 1.37 9.92 -0.90
N ASN B 140 0.79 8.74 -0.77
CA ASN B 140 -0.63 8.67 -0.48
C ASN B 140 -0.94 9.58 0.75
N ILE B 141 -1.92 10.46 0.59
CA ILE B 141 -2.33 11.35 1.68
C ILE B 141 -3.63 10.86 2.31
N ILE B 142 -4.70 10.87 1.51
CA ILE B 142 -6.00 10.37 1.90
C ILE B 142 -6.74 9.91 0.66
N SER B 143 -7.67 8.96 0.85
CA SER B 143 -8.45 8.44 -0.25
C SER B 143 -9.36 9.54 -0.83
N ALA B 144 -9.21 9.79 -2.13
CA ALA B 144 -10.04 10.77 -2.78
C ALA B 144 -11.50 10.33 -2.70
N TYR B 145 -11.73 9.04 -2.49
CA TYR B 145 -13.11 8.56 -2.35
C TYR B 145 -13.61 8.74 -0.92
N LYS B 146 -12.75 8.48 0.05
CA LYS B 146 -13.08 8.82 1.44
C LYS B 146 -13.36 10.31 1.60
N LEU B 147 -12.54 11.15 0.96
CA LEU B 147 -12.72 12.59 1.05
C LEU B 147 -14.04 12.99 0.42
N ALA B 148 -14.43 12.30 -0.64
CA ALA B 148 -15.68 12.60 -1.31
C ALA B 148 -16.82 12.34 -0.36
N GLN B 149 -16.79 11.17 0.29
CA GLN B 149 -17.85 10.82 1.23
C GLN B 149 -17.90 11.84 2.36
N THR B 150 -16.71 12.31 2.75
CA THR B 150 -16.59 13.26 3.82
C THR B 150 -17.29 14.57 3.52
N CYS B 151 -17.03 15.12 2.33
CA CYS B 151 -17.65 16.38 1.95
C CYS B 151 -19.14 16.23 1.78
N ALA B 152 -19.58 15.08 1.27
CA ALA B 152 -21.00 14.78 1.12
C ALA B 152 -21.69 14.81 2.47
N LYS B 153 -21.04 14.19 3.44
CA LYS B 153 -21.55 14.17 4.80
C LYS B 153 -21.55 15.58 5.40
N MET B 154 -20.46 16.31 5.26
CA MET B 154 -20.42 17.70 5.71
C MET B 154 -21.64 18.50 5.21
N ILE B 155 -22.00 18.30 3.97
CA ILE B 155 -23.11 19.04 3.38
C ILE B 155 -24.48 18.58 3.90
N ASP B 156 -24.78 17.29 3.79
CA ASP B 156 -26.06 16.75 4.27
C ASP B 156 -26.30 17.09 5.75
N ASN B 157 -25.22 17.19 6.51
CA ASN B 157 -25.32 17.38 7.96
C ASN B 157 -24.83 18.75 8.38
N LYS B 158 -24.64 19.62 7.41
CA LYS B 158 -24.20 20.99 7.67
C LYS B 158 -23.09 21.10 8.73
N GLU B 159 -22.17 20.16 8.73
CA GLU B 159 -21.02 20.27 9.61
C GLU B 159 -19.89 20.99 8.86
N PHE B 160 -19.95 22.32 8.85
CA PHE B 160 -18.95 23.12 8.16
C PHE B 160 -17.98 23.80 9.11
N ASP B 161 -18.13 23.54 10.41
CA ASP B 161 -17.31 24.19 11.42
C ASP B 161 -16.89 23.24 12.52
N LEU B 162 -16.50 22.02 12.14
CA LEU B 162 -16.34 20.95 13.12
C LEU B 162 -14.90 20.45 13.22
N PHE B 163 -14.27 20.21 12.07
CA PHE B 163 -12.95 19.61 12.02
C PHE B 163 -12.13 20.08 10.81
N ASP B 164 -10.81 20.08 10.98
CA ASP B 164 -9.89 20.32 9.87
C ASP B 164 -9.12 19.02 9.64
N ILE B 165 -8.53 18.88 8.46
CA ILE B 165 -7.55 17.79 8.24
C ILE B 165 -6.20 18.35 7.79
N ASN B 166 -5.18 18.23 8.64
CA ASN B 166 -3.94 18.93 8.42
C ASN B 166 -2.75 18.00 8.39
N TYR B 167 -1.66 18.44 7.76
CA TYR B 167 -0.48 17.61 7.59
C TYR B 167 0.83 18.25 8.02
N LEU B 168 1.71 17.41 8.54
CA LEU B 168 3.02 17.82 8.99
C LEU B 168 4.07 16.91 8.36
N GLU B 169 4.92 17.50 7.53
CA GLU B 169 5.92 16.72 6.82
C GLU B 169 7.28 16.85 7.51
N VAL B 170 7.85 15.72 7.91
CA VAL B 170 9.14 15.66 8.55
C VAL B 170 10.16 15.17 7.53
N ASP B 171 11.07 16.05 7.14
CA ASP B 171 12.14 15.70 6.20
C ASP B 171 13.36 15.20 6.95
N TRP B 172 13.84 14.03 6.56
CA TRP B 172 14.99 13.42 7.20
C TRP B 172 16.01 12.93 6.18
N GLU B 173 17.16 12.50 6.70
CA GLU B 173 18.30 12.13 5.88
C GLU B 173 19.18 11.23 6.72
N LEU B 174 19.79 10.24 6.07
CA LEU B 174 20.62 9.26 6.77
C LEU B 174 22.06 9.77 6.91
N ASN B 175 22.56 9.80 8.14
CA ASN B 175 23.97 10.10 8.40
C ASN B 175 24.60 8.98 9.19
N GLY B 176 25.32 8.11 8.50
CA GLY B 176 25.93 6.96 9.14
C GLY B 176 24.91 6.03 9.78
N GLU B 177 24.91 6.00 11.10
CA GLU B 177 24.02 5.11 11.84
C GLU B 177 22.65 5.72 12.09
N ASP B 178 22.63 7.06 12.20
CA ASP B 178 21.45 7.77 12.66
C ASP B 178 20.71 8.54 11.57
N LEU B 179 19.37 8.53 11.65
CA LEU B 179 18.55 9.28 10.70
C LEU B 179 18.17 10.63 11.28
N VAL B 180 18.47 11.71 10.56
CA VAL B 180 18.29 13.04 11.12
C VAL B 180 17.26 13.91 10.37
N CYS B 181 16.30 14.45 11.13
CA CYS B 181 15.36 15.41 10.59
C CYS B 181 16.12 16.66 10.19
N VAL B 182 15.72 17.27 9.08
CA VAL B 182 16.43 18.43 8.59
C VAL B 182 15.49 19.51 8.08
N SER B 183 14.20 19.31 8.29
CA SER B 183 13.22 20.35 7.98
C SER B 183 11.80 19.79 8.06
N THR B 184 10.83 20.69 8.12
CA THR B 184 9.44 20.31 8.24
C THR B 184 8.55 21.26 7.47
N SER B 185 7.31 20.84 7.28
CA SER B 185 6.30 21.66 6.64
C SER B 185 4.96 21.34 7.28
N PHE B 186 4.04 22.29 7.20
CA PHE B 186 2.72 22.08 7.73
C PHE B 186 1.73 22.72 6.78
N ALA B 187 0.71 21.97 6.39
CA ALA B 187 -0.37 22.55 5.59
C ALA B 187 -1.74 22.07 6.02
N GLU B 188 -2.77 22.82 5.62
CA GLU B 188 -4.15 22.54 5.96
C GLU B 188 -4.84 22.12 4.68
N LEU B 189 -5.39 20.90 4.67
CA LEU B 189 -6.06 20.38 3.48
C LEU B 189 -7.16 21.31 2.96
N PHE B 190 -7.94 21.87 3.90
CA PHE B 190 -9.08 22.72 3.54
C PHE B 190 -8.70 24.17 3.21
N LYS B 191 -7.40 24.45 3.13
CA LYS B 191 -6.95 25.73 2.61
C LYS B 191 -6.44 25.61 1.19
N SER B 192 -6.43 24.40 0.64
CA SER B 192 -5.88 24.21 -0.69
C SER B 192 -6.98 24.34 -1.72
N GLU B 193 -6.59 24.77 -2.92
CA GLU B 193 -7.50 24.74 -4.05
C GLU B 193 -7.91 23.28 -4.33
N PRO B 194 -9.17 22.92 -4.02
CA PRO B 194 -9.59 21.54 -4.26
C PRO B 194 -9.22 21.05 -5.67
N SER B 195 -9.52 21.83 -6.71
CA SER B 195 -9.26 21.38 -8.08
C SER B 195 -7.77 21.22 -8.38
N GLU B 196 -6.92 21.56 -7.41
CA GLU B 196 -5.47 21.42 -7.55
C GLU B 196 -4.97 20.07 -7.04
N LEU B 197 -5.85 19.38 -6.31
CA LEU B 197 -5.50 18.12 -5.67
C LEU B 197 -5.34 16.99 -6.70
N TYR B 198 -4.20 16.32 -6.64
CA TYR B 198 -3.91 15.25 -7.57
C TYR B 198 -4.48 13.93 -7.08
N ILE B 199 -5.47 13.41 -7.80
CA ILE B 199 -6.08 12.13 -7.50
C ILE B 199 -5.43 11.03 -8.33
N ASN B 200 -4.54 10.28 -7.69
CA ASN B 200 -3.88 9.14 -8.32
C ASN B 200 -4.77 7.90 -8.16
N TRP B 201 -5.48 7.56 -9.23
CA TRP B 201 -6.46 6.49 -9.16
C TRP B 201 -5.82 5.16 -8.86
N ALA B 202 -4.82 4.80 -9.65
CA ALA B 202 -4.11 3.55 -9.48
C ALA B 202 -3.55 3.38 -8.07
N ALA B 203 -3.12 4.48 -7.46
CA ALA B 203 -2.56 4.42 -6.12
C ALA B 203 -3.66 4.44 -5.07
N ALA B 204 -4.55 3.45 -5.13
CA ALA B 204 -5.60 3.30 -4.12
C ALA B 204 -6.54 4.51 -4.09
N MET B 205 -6.74 5.10 -5.27
CA MET B 205 -7.52 6.33 -5.38
C MET B 205 -7.07 7.43 -4.42
N GLN B 206 -5.78 7.53 -4.16
CA GLN B 206 -5.30 8.51 -3.18
C GLN B 206 -5.00 9.89 -3.77
N ILE B 207 -5.21 10.91 -2.94
CA ILE B 207 -4.71 12.24 -3.19
C ILE B 207 -3.25 12.08 -2.88
N GLN B 208 -2.41 12.65 -3.74
CA GLN B 208 -0.97 12.62 -3.50
C GLN B 208 -0.37 14.00 -3.57
N PHE B 209 0.37 14.37 -2.53
CA PHE B 209 1.19 15.57 -2.62
C PHE B 209 2.21 15.47 -1.52
N HIS B 210 3.30 16.23 -1.65
CA HIS B 210 4.09 16.58 -0.49
C HIS B 210 3.47 17.81 0.15
N VAL B 211 3.54 17.88 1.46
CA VAL B 211 2.99 19.02 2.20
C VAL B 211 3.60 20.34 1.69
N ARG B 212 4.92 20.41 1.62
CA ARG B 212 5.60 21.63 1.18
C ARG B 212 5.06 22.18 -0.13
N ASP B 213 4.49 21.30 -0.96
CA ASP B 213 4.05 21.69 -2.28
C ASP B 213 2.57 22.09 -2.29
N LEU B 214 1.88 21.92 -1.16
CA LEU B 214 0.42 22.05 -1.15
C LEU B 214 -0.08 23.49 -1.30
N ASP B 215 -0.86 23.72 -2.35
CA ASP B 215 -1.56 24.99 -2.51
C ASP B 215 -2.21 25.36 -1.21
N GLN B 216 -2.09 26.63 -0.80
CA GLN B 216 -2.82 27.12 0.37
C GLN B 216 -3.53 28.44 0.08
N GLY B 217 -3.93 28.65 -1.16
CA GLY B 217 -4.57 29.89 -1.56
C GLY B 217 -6.09 29.91 -1.61
N PHE B 218 -6.73 28.85 -1.12
CA PHE B 218 -8.20 28.81 -1.09
C PHE B 218 -8.77 29.85 -0.13
N ASN B 219 -9.85 30.52 -0.55
CA ASN B 219 -10.38 31.63 0.24
C ASN B 219 -11.88 31.56 0.53
N GLY B 220 -12.57 30.63 -0.14
CA GLY B 220 -14.01 30.47 0.08
C GLY B 220 -14.36 29.94 1.45
N THR B 221 -15.61 29.51 1.61
CA THR B 221 -16.08 28.91 2.85
C THR B 221 -15.82 27.40 2.86
N ARG B 222 -15.98 26.78 4.03
CA ARG B 222 -15.89 25.33 4.14
C ARG B 222 -16.92 24.67 3.22
N GLU B 223 -18.13 25.21 3.21
CA GLU B 223 -19.17 24.64 2.36
C GLU B 223 -18.70 24.67 0.90
N GLU B 224 -18.17 25.82 0.49
CA GLU B 224 -17.70 25.98 -0.88
C GLU B 224 -16.61 24.98 -1.20
N TRP B 225 -15.66 24.83 -0.29
CA TRP B 225 -14.57 23.91 -0.48
C TRP B 225 -15.12 22.51 -0.80
N ALA B 226 -16.09 22.06 0.01
CA ALA B 226 -16.66 20.72 -0.12
C ALA B 226 -17.38 20.55 -1.45
N LYS B 227 -18.20 21.54 -1.80
CA LYS B 227 -18.94 21.47 -3.05
C LYS B 227 -17.92 21.53 -4.18
N SER B 228 -16.92 22.37 -4.01
CA SER B 228 -15.90 22.50 -5.05
C SER B 228 -15.16 21.16 -5.18
N TYR B 229 -14.79 20.55 -4.06
CA TYR B 229 -14.09 19.27 -4.12
C TYR B 229 -14.92 18.18 -4.84
N LEU B 230 -16.19 18.03 -4.48
CA LEU B 230 -17.03 17.04 -5.11
C LEU B 230 -17.10 17.24 -6.62
N LYS B 231 -17.02 18.49 -7.06
CA LYS B 231 -17.07 18.77 -8.49
C LYS B 231 -15.80 18.27 -9.14
N HIS B 232 -14.68 18.51 -8.48
CA HIS B 232 -13.37 18.01 -8.92
C HIS B 232 -13.36 16.47 -9.00
N PHE B 233 -13.79 15.82 -7.92
CA PHE B 233 -13.83 14.35 -7.83
C PHE B 233 -14.65 13.69 -8.93
N VAL B 234 -15.90 14.12 -9.08
CA VAL B 234 -16.78 13.62 -10.12
C VAL B 234 -16.12 13.76 -11.49
N THR B 235 -15.45 14.90 -11.68
CA THR B 235 -14.79 15.18 -12.94
C THR B 235 -13.62 14.24 -13.19
N GLN B 236 -12.81 14.03 -12.16
CA GLN B 236 -11.64 13.16 -12.30
C GLN B 236 -12.02 11.68 -12.41
N ALA B 237 -13.17 11.32 -11.84
CA ALA B 237 -13.68 9.95 -11.97
C ALA B 237 -14.08 9.63 -13.42
N GLU B 238 -14.79 10.57 -14.06
CA GLU B 238 -15.13 10.41 -15.47
C GLU B 238 -13.88 10.30 -16.33
N GLN B 239 -12.92 11.18 -16.11
CA GLN B 239 -11.70 11.17 -16.89
C GLN B 239 -10.96 9.81 -16.78
N ARG B 240 -10.88 9.26 -15.56
CA ARG B 240 -10.22 7.98 -15.33
C ARG B 240 -11.01 6.81 -15.97
N ALA B 241 -12.34 6.86 -15.86
CA ALA B 241 -13.20 5.90 -16.53
C ALA B 241 -12.84 5.79 -18.00
N ILE B 242 -12.86 6.93 -18.69
CA ILE B 242 -12.51 7.02 -20.10
C ILE B 242 -11.04 6.64 -20.37
N SER B 243 -10.14 7.15 -19.57
CA SER B 243 -8.74 6.86 -19.74
C SER B 243 -8.46 5.35 -19.63
N MET B 244 -9.31 4.64 -18.90
CA MET B 244 -9.14 3.20 -18.75
C MET B 244 -9.16 2.47 -20.09
N ILE B 245 -9.94 2.95 -21.04
CA ILE B 245 -10.02 2.30 -22.32
C ILE B 245 -8.68 2.35 -23.03
N ASP B 246 -8.07 3.53 -23.02
CA ASP B 246 -6.83 3.69 -23.74
C ASP B 246 -5.66 3.05 -23.03
N LYS B 247 -5.64 3.15 -21.71
CA LYS B 247 -4.57 2.55 -20.92
C LYS B 247 -4.66 1.02 -20.83
N PHE B 248 -5.86 0.47 -20.66
CA PHE B 248 -5.94 -0.95 -20.28
C PHE B 248 -6.66 -1.85 -21.28
N VAL B 249 -7.27 -1.26 -22.30
CA VAL B 249 -8.08 -2.05 -23.22
C VAL B 249 -7.47 -2.14 -24.60
N LYS B 250 -7.42 -1.02 -25.31
CA LYS B 250 -6.90 -1.00 -26.67
C LYS B 250 -5.51 -1.64 -26.79
N PRO B 251 -4.62 -1.34 -25.85
CA PRO B 251 -3.24 -1.86 -25.92
C PRO B 251 -3.15 -3.38 -25.90
N PHE B 252 -4.23 -4.05 -25.53
CA PHE B 252 -4.16 -5.50 -25.40
C PHE B 252 -5.14 -6.23 -26.31
N LYS B 253 -6.07 -5.48 -26.91
CA LYS B 253 -7.03 -6.08 -27.83
C LYS B 253 -6.38 -6.93 -28.92
N LYS B 254 -5.25 -6.48 -29.45
CA LYS B 254 -4.57 -7.20 -30.53
C LYS B 254 -4.20 -8.65 -30.20
N TYR B 255 -4.44 -9.07 -28.96
CA TYR B 255 -4.08 -10.42 -28.54
C TYR B 255 -5.30 -11.35 -28.43
N ILE B 256 -6.49 -10.77 -28.50
CA ILE B 256 -7.71 -11.54 -28.29
C ILE B 256 -8.61 -11.68 -29.51
MN MN G . 6.45 -11.16 0.98
MN MN H . 7.78 -9.18 -3.49
MN MN I . 2.32 8.92 9.52
MN MN J . -3.15 7.85 9.23
#